data_3LNW
#
_entry.id   3LNW
#
_cell.length_a   67.972
_cell.length_b   67.972
_cell.length_c   50.444
_cell.angle_alpha   90.00
_cell.angle_beta   90.00
_cell.angle_gamma   120.00
#
_symmetry.space_group_name_H-M   'P 31'
#
loop_
_entity.id
_entity.type
_entity.pdbx_description
1 polymer 'Phosphotransferase system, HPr-related proteins'
2 water water
#
_entity_poly.entity_id   1
_entity_poly.type   'polypeptide(L)'
_entity_poly.pdbx_seq_one_letter_code
;MKEVTIEIKNKTGLHARPAALFVQTASKFSSQIWVEKDNKKVNAKSIMGIMSLGVSQGNVVKLSAEGDDEEEAIKALVDL
IESKFGEE
;
_entity_poly.pdbx_strand_id   A,B,C
#
# COMPACT_ATOMS: atom_id res chain seq x y z
N MET A 1 -6.21 -1.48 3.57
CA MET A 1 -4.77 -1.45 3.33
C MET A 1 -4.23 -0.03 3.52
N LYS A 2 -3.17 0.10 4.30
CA LYS A 2 -2.59 1.40 4.58
C LYS A 2 -1.13 1.44 4.14
N GLU A 3 -0.76 2.49 3.42
CA GLU A 3 0.61 2.62 2.91
C GLU A 3 1.20 3.98 3.24
N VAL A 4 2.51 4.00 3.47
CA VAL A 4 3.22 5.23 3.81
C VAL A 4 4.62 5.26 3.18
N THR A 5 4.97 6.40 2.58
CA THR A 5 6.31 6.58 2.06
C THR A 5 7.16 7.32 3.10
N ILE A 6 8.31 6.78 3.45
CA ILE A 6 9.10 7.36 4.51
C ILE A 6 10.60 7.14 4.35
N GLU A 7 11.37 8.12 4.83
CA GLU A 7 12.82 8.07 4.80
C GLU A 7 13.35 7.59 6.13
N ILE A 8 14.14 6.58 6.00
CA ILE A 8 14.78 5.95 7.15
C ILE A 8 16.00 6.80 7.53
N LYS A 9 16.29 7.65 8.70
CA LYS A 9 17.34 8.62 8.95
C LYS A 9 18.37 8.16 9.98
N ASN A 10 18.18 6.97 10.53
CA ASN A 10 19.15 6.44 11.51
C ASN A 10 20.42 5.93 10.86
N LYS A 11 21.52 5.97 11.61
CA LYS A 11 22.83 5.58 11.09
C LYS A 11 22.80 4.33 10.21
N THR A 12 22.47 3.21 10.84
CA THR A 12 22.65 1.90 10.23
C THR A 12 21.52 1.52 9.27
N GLY A 13 20.58 2.42 9.09
CA GLY A 13 19.40 2.13 8.28
C GLY A 13 18.64 0.99 8.91
N LEU A 14 18.19 0.04 8.09
CA LEU A 14 17.54 -1.14 8.63
C LEU A 14 18.57 -2.26 8.81
N HIS A 15 19.50 -2.03 9.74
CA HIS A 15 20.55 -2.98 10.06
C HIS A 15 20.84 -2.94 11.55
N ALA A 16 21.46 -4.00 12.04
CA ALA A 16 21.81 -4.08 13.47
C ALA A 16 20.56 -4.04 14.34
N ARG A 17 20.68 -3.46 15.55
CA ARG A 17 19.57 -3.40 16.48
C ARG A 17 18.31 -2.76 15.88
N PRO A 18 18.45 -1.60 15.21
CA PRO A 18 17.28 -1.02 14.54
C PRO A 18 16.54 -2.02 13.66
N ALA A 19 17.27 -2.87 12.97
CA ALA A 19 16.67 -3.90 12.13
C ALA A 19 15.84 -4.88 12.98
N ALA A 20 16.36 -5.24 14.16
CA ALA A 20 15.65 -6.13 15.07
C ALA A 20 14.43 -5.46 15.70
N LEU A 21 14.59 -4.20 16.12
CA LEU A 21 13.48 -3.45 16.68
C LEU A 21 12.37 -3.38 15.65
N PHE A 22 12.75 -3.14 14.41
CA PHE A 22 11.78 -3.00 13.32
C PHE A 22 11.00 -4.28 13.11
N VAL A 23 11.71 -5.40 13.07
CA VAL A 23 11.08 -6.70 12.85
C VAL A 23 10.15 -7.07 14.00
N GLN A 24 10.60 -6.82 15.23
CA GLN A 24 9.83 -7.18 16.41
C GLN A 24 8.61 -6.28 16.62
N THR A 25 8.67 -5.06 16.12
CA THR A 25 7.55 -4.13 16.22
C THR A 25 6.44 -4.48 15.25
N ALA A 26 6.83 -4.94 14.06
CA ALA A 26 5.85 -5.37 13.06
C ALA A 26 5.22 -6.70 13.48
N SER A 27 6.02 -7.55 14.12
CA SER A 27 5.55 -8.86 14.56
C SER A 27 4.50 -8.71 15.66
N LYS A 28 4.41 -7.52 16.23
CA LYS A 28 3.45 -7.25 17.28
C LYS A 28 2.02 -7.26 16.74
N PHE A 29 1.88 -7.03 15.44
CA PHE A 29 0.56 -6.87 14.84
C PHE A 29 0.17 -8.07 13.99
N SER A 30 -1.13 -8.34 13.92
CA SER A 30 -1.64 -9.48 13.17
C SER A 30 -1.64 -9.23 11.66
N SER A 31 -1.75 -7.97 11.28
CA SER A 31 -1.73 -7.59 9.87
C SER A 31 -0.46 -8.06 9.19
N GLN A 32 -0.53 -8.23 7.88
CA GLN A 32 0.67 -8.49 7.11
C GLN A 32 1.28 -7.15 6.74
N ILE A 33 2.59 -7.03 6.96
CA ILE A 33 3.28 -5.78 6.73
C ILE A 33 4.43 -5.97 5.75
N TRP A 34 4.55 -5.03 4.80
CA TRP A 34 5.59 -5.12 3.77
C TRP A 34 6.45 -3.86 3.73
N VAL A 35 7.66 -4.02 3.22
CA VAL A 35 8.55 -2.89 2.98
C VAL A 35 9.07 -2.95 1.56
N GLU A 36 8.92 -1.84 0.84
CA GLU A 36 9.38 -1.75 -0.53
C GLU A 36 10.46 -0.69 -0.67
N LYS A 37 11.55 -1.03 -1.37
CA LYS A 37 12.62 -0.08 -1.64
C LYS A 37 13.04 -0.22 -3.09
N ASP A 38 13.23 0.80 -3.88
CA ASP A 38 13.38 0.53 -5.32
C ASP A 38 12.14 -0.21 -5.88
N ASN A 39 12.31 -1.46 -6.26
CA ASN A 39 11.21 -2.23 -6.87
C ASN A 39 10.93 -3.51 -6.10
N LYS A 40 11.62 -3.67 -4.99
CA LYS A 40 11.64 -4.93 -4.28
C LYS A 40 10.79 -4.85 -3.03
N LYS A 41 9.72 -5.60 -2.98
CA LYS A 41 8.85 -5.65 -1.81
C LYS A 41 9.09 -6.90 -0.96
N VAL A 42 9.34 -6.71 0.33
CA VAL A 42 9.60 -7.82 1.23
C VAL A 42 8.70 -7.77 2.46
N ASN A 43 8.61 -8.87 3.18
CA ASN A 43 7.82 -8.94 4.39
C ASN A 43 8.52 -8.23 5.54
N ALA A 44 7.81 -7.34 6.22
CA ALA A 44 8.39 -6.52 7.27
C ALA A 44 8.69 -7.30 8.54
N LYS A 45 8.17 -8.53 8.63
CA LYS A 45 8.38 -9.37 9.79
C LYS A 45 9.52 -10.35 9.56
N SER A 46 10.06 -10.36 8.35
CA SER A 46 11.14 -11.25 7.98
C SER A 46 12.49 -10.55 8.00
N ILE A 47 13.38 -11.01 8.87
CA ILE A 47 14.71 -10.42 8.98
C ILE A 47 15.52 -10.62 7.70
N MET A 48 15.36 -11.80 7.08
CA MET A 48 16.02 -12.08 5.82
C MET A 48 15.49 -11.16 4.72
N GLY A 49 14.19 -10.87 4.77
CA GLY A 49 13.57 -9.98 3.80
C GLY A 49 14.10 -8.58 3.94
N ILE A 50 14.21 -8.10 5.18
CA ILE A 50 14.72 -6.76 5.44
C ILE A 50 16.18 -6.62 5.04
N MET A 51 16.99 -7.62 5.36
CA MET A 51 18.41 -7.60 5.02
C MET A 51 18.60 -7.51 3.51
N SER A 52 17.81 -8.28 2.78
CA SER A 52 17.94 -8.35 1.32
C SER A 52 17.60 -7.03 0.66
N LEU A 53 16.87 -6.18 1.37
CA LEU A 53 16.44 -4.90 0.82
C LEU A 53 17.60 -3.90 0.83
N GLY A 54 18.55 -4.13 1.73
CA GLY A 54 19.72 -3.27 1.84
C GLY A 54 19.34 -1.81 2.07
N VAL A 55 18.60 -1.55 3.14
CA VAL A 55 18.15 -0.21 3.44
C VAL A 55 19.16 0.53 4.31
N SER A 56 19.76 1.56 3.74
CA SER A 56 20.76 2.35 4.45
C SER A 56 20.18 3.70 4.89
N GLN A 57 20.97 4.45 5.65
CA GLN A 57 20.54 5.77 6.09
C GLN A 57 20.23 6.65 4.88
N GLY A 58 19.10 7.34 4.94
CA GLY A 58 18.71 8.27 3.89
C GLY A 58 17.83 7.65 2.82
N ASN A 59 17.77 6.32 2.79
CA ASN A 59 16.95 5.62 1.81
C ASN A 59 15.46 5.84 2.05
N VAL A 60 14.71 5.95 0.96
CA VAL A 60 13.27 6.11 1.05
C VAL A 60 12.57 4.79 0.77
N VAL A 61 11.80 4.33 1.73
CA VAL A 61 11.06 3.08 1.59
C VAL A 61 9.58 3.33 1.64
N LYS A 62 8.80 2.33 1.25
CA LYS A 62 7.35 2.40 1.26
C LYS A 62 6.80 1.29 2.15
N LEU A 63 6.24 1.67 3.29
CA LEU A 63 5.64 0.70 4.22
C LEU A 63 4.17 0.52 3.89
N SER A 64 3.71 -0.72 3.94
CA SER A 64 2.29 -0.99 3.76
C SER A 64 1.84 -2.11 4.69
N ALA A 65 0.59 -2.05 5.12
CA ALA A 65 0.05 -3.09 5.98
C ALA A 65 -1.39 -3.40 5.56
N GLU A 66 -1.82 -4.63 5.81
CA GLU A 66 -3.20 -5.01 5.56
C GLU A 66 -3.67 -6.01 6.61
N GLY A 67 -4.76 -5.69 7.28
CA GLY A 67 -5.30 -6.53 8.32
C GLY A 67 -6.20 -5.77 9.27
N ASP A 68 -6.49 -6.36 10.42
CA ASP A 68 -7.39 -5.76 11.39
C ASP A 68 -6.74 -4.60 12.13
N ASP A 69 -5.42 -4.62 12.26
CA ASP A 69 -4.71 -3.53 12.93
C ASP A 69 -3.72 -2.83 12.02
N GLU A 70 -4.10 -2.68 10.75
CA GLU A 70 -3.19 -2.13 9.74
C GLU A 70 -2.83 -0.68 10.01
N GLU A 71 -3.80 0.10 10.48
CA GLU A 71 -3.54 1.49 10.81
C GLU A 71 -2.61 1.60 12.00
N GLU A 72 -2.88 0.83 13.05
CA GLU A 72 -2.05 0.84 14.24
C GLU A 72 -0.65 0.32 13.92
N ALA A 73 -0.58 -0.63 12.99
CA ALA A 73 0.69 -1.24 12.62
C ALA A 73 1.59 -0.24 11.90
N ILE A 74 1.01 0.49 10.96
CA ILE A 74 1.76 1.50 10.21
C ILE A 74 2.20 2.64 11.11
N LYS A 75 1.28 3.09 11.97
CA LYS A 75 1.59 4.14 12.93
C LYS A 75 2.76 3.75 13.82
N ALA A 76 2.72 2.53 14.34
CA ALA A 76 3.78 2.03 15.22
C ALA A 76 5.15 2.08 14.56
N LEU A 77 5.21 1.69 13.30
CA LEU A 77 6.47 1.68 12.57
C LEU A 77 6.95 3.10 12.26
N VAL A 78 6.02 3.97 11.92
CA VAL A 78 6.33 5.37 11.64
C VAL A 78 6.92 6.06 12.87
N ASP A 79 6.23 5.92 14.00
CA ASP A 79 6.71 6.51 15.25
C ASP A 79 8.11 5.98 15.61
N LEU A 80 8.35 4.71 15.35
CA LEU A 80 9.62 4.09 15.65
C LEU A 80 10.72 4.67 14.76
N ILE A 81 10.41 4.80 13.48
CA ILE A 81 11.37 5.32 12.50
C ILE A 81 11.67 6.80 12.76
N GLU A 82 10.64 7.57 13.10
CA GLU A 82 10.80 9.01 13.33
C GLU A 82 11.58 9.31 14.60
N SER A 83 11.54 8.41 15.57
CA SER A 83 12.35 8.55 16.76
C SER A 83 13.74 8.01 16.48
N LYS A 84 13.99 7.67 15.22
CA LYS A 84 15.26 7.09 14.79
C LYS A 84 15.63 5.88 15.63
N PHE A 85 14.62 5.12 16.07
CA PHE A 85 14.82 3.90 16.85
C PHE A 85 15.44 4.18 18.21
N GLY A 86 15.04 5.30 18.82
CA GLY A 86 15.47 5.66 20.17
C GLY A 86 16.89 6.24 20.22
N MET B 1 4.71 -16.64 1.16
CA MET B 1 3.56 -16.29 0.33
C MET B 1 3.22 -17.44 -0.62
N LYS B 2 1.96 -17.83 -0.64
CA LYS B 2 1.52 -18.93 -1.48
C LYS B 2 0.43 -18.48 -2.47
N GLU B 3 0.60 -18.82 -3.73
CA GLU B 3 -0.34 -18.40 -4.77
C GLU B 3 -0.81 -19.58 -5.62
N VAL B 4 -2.06 -19.52 -6.05
CA VAL B 4 -2.65 -20.58 -6.87
C VAL B 4 -3.59 -20.01 -7.94
N THR B 5 -3.46 -20.52 -9.15
CA THR B 5 -4.36 -20.16 -10.24
C THR B 5 -5.42 -21.23 -10.35
N ILE B 6 -6.69 -20.84 -10.30
CA ILE B 6 -7.77 -21.80 -10.29
C ILE B 6 -9.04 -21.30 -10.95
N GLU B 7 -9.84 -22.24 -11.46
CA GLU B 7 -11.09 -21.91 -12.12
C GLU B 7 -12.27 -22.16 -11.20
N ILE B 8 -13.14 -21.16 -11.08
CA ILE B 8 -14.37 -21.31 -10.33
C ILE B 8 -15.39 -21.97 -11.25
N LYS B 9 -15.95 -23.10 -10.83
CA LYS B 9 -16.80 -23.90 -11.71
C LYS B 9 -18.26 -23.98 -11.28
N ASN B 10 -18.56 -23.49 -10.08
CA ASN B 10 -19.92 -23.51 -9.57
C ASN B 10 -20.83 -22.51 -10.28
N LYS B 11 -22.13 -22.80 -10.27
CA LYS B 11 -23.11 -21.96 -10.98
C LYS B 11 -22.88 -20.47 -10.82
N THR B 12 -23.05 -20.00 -9.59
CA THR B 12 -23.14 -18.58 -9.32
C THR B 12 -21.78 -17.90 -9.22
N GLY B 13 -20.72 -18.65 -9.47
CA GLY B 13 -19.37 -18.14 -9.31
C GLY B 13 -19.15 -17.73 -7.87
N LEU B 14 -18.55 -16.57 -7.65
CA LEU B 14 -18.41 -16.04 -6.30
C LEU B 14 -19.55 -15.11 -5.97
N HIS B 15 -20.76 -15.69 -5.91
CA HIS B 15 -21.97 -14.94 -5.62
C HIS B 15 -22.89 -15.80 -4.76
N ALA B 16 -23.84 -15.14 -4.09
CA ALA B 16 -24.80 -15.87 -3.23
C ALA B 16 -24.09 -16.62 -2.10
N ARG B 17 -24.64 -17.78 -1.72
CA ARG B 17 -24.07 -18.54 -0.62
C ARG B 17 -22.59 -18.92 -0.82
N PRO B 18 -22.23 -19.40 -2.02
CA PRO B 18 -20.80 -19.67 -2.30
C PRO B 18 -19.91 -18.48 -1.95
N ALA B 19 -20.40 -17.28 -2.24
CA ALA B 19 -19.64 -16.07 -1.93
C ALA B 19 -19.45 -15.92 -0.42
N ALA B 20 -20.48 -16.24 0.36
CA ALA B 20 -20.41 -16.18 1.81
C ALA B 20 -19.52 -17.28 2.39
N LEU B 21 -19.68 -18.49 1.88
CA LEU B 21 -18.84 -19.61 2.26
C LEU B 21 -17.38 -19.25 2.06
N PHE B 22 -17.10 -18.64 0.91
CA PHE B 22 -15.74 -18.27 0.53
C PHE B 22 -15.15 -17.24 1.49
N VAL B 23 -15.94 -16.22 1.82
CA VAL B 23 -15.49 -15.16 2.71
C VAL B 23 -15.24 -15.70 4.12
N GLN B 24 -16.15 -16.54 4.60
CA GLN B 24 -16.07 -17.09 5.94
C GLN B 24 -14.96 -18.12 6.10
N THR B 25 -14.60 -18.79 5.02
CA THR B 25 -13.51 -19.76 5.04
C THR B 25 -12.14 -19.09 5.09
N ALA B 26 -12.02 -17.96 4.40
CA ALA B 26 -10.77 -17.19 4.42
C ALA B 26 -10.62 -16.49 5.77
N SER B 27 -11.74 -16.06 6.33
CA SER B 27 -11.73 -15.36 7.61
C SER B 27 -11.28 -16.29 8.74
N LYS B 28 -11.28 -17.58 8.46
CA LYS B 28 -10.86 -18.58 9.43
C LYS B 28 -9.37 -18.48 9.72
N PHE B 29 -8.62 -17.92 8.77
CA PHE B 29 -7.16 -17.91 8.87
C PHE B 29 -6.62 -16.52 9.18
N SER B 30 -5.49 -16.47 9.87
CA SER B 30 -4.88 -15.21 10.27
C SER B 30 -4.16 -14.52 9.11
N SER B 31 -3.71 -15.31 8.15
CA SER B 31 -3.02 -14.78 6.99
C SER B 31 -3.91 -13.80 6.22
N GLN B 32 -3.29 -12.91 5.48
CA GLN B 32 -4.03 -12.05 4.57
C GLN B 32 -4.19 -12.80 3.27
N ILE B 33 -5.42 -12.82 2.76
CA ILE B 33 -5.72 -13.57 1.55
C ILE B 33 -6.32 -12.65 0.49
N TRP B 34 -5.86 -12.81 -0.75
CA TRP B 34 -6.32 -11.98 -1.85
C TRP B 34 -6.86 -12.80 -3.01
N VAL B 35 -7.74 -12.19 -3.80
CA VAL B 35 -8.22 -12.80 -5.02
C VAL B 35 -8.05 -11.83 -6.17
N GLU B 36 -7.41 -12.28 -7.25
CA GLU B 36 -7.19 -11.44 -8.42
C GLU B 36 -7.91 -12.02 -9.62
N LYS B 37 -8.63 -11.14 -10.32
CA LYS B 37 -9.41 -11.59 -11.48
C LYS B 37 -8.98 -10.62 -12.56
N ASP B 38 -8.72 -10.94 -13.82
CA ASP B 38 -8.24 -9.83 -14.67
C ASP B 38 -7.03 -9.06 -14.06
N ASN B 39 -7.16 -7.75 -13.76
CA ASN B 39 -6.01 -7.06 -13.23
C ASN B 39 -6.30 -6.56 -11.83
N LYS B 40 -7.44 -7.00 -11.30
CA LYS B 40 -7.99 -6.43 -10.07
C LYS B 40 -7.79 -7.37 -8.91
N LYS B 41 -6.97 -6.95 -7.96
CA LYS B 41 -6.74 -7.75 -6.75
C LYS B 41 -7.54 -7.21 -5.56
N VAL B 42 -8.32 -8.08 -4.92
CA VAL B 42 -9.13 -7.69 -3.76
C VAL B 42 -8.88 -8.60 -2.57
N ASN B 43 -9.30 -8.16 -1.39
CA ASN B 43 -9.16 -8.96 -0.18
C ASN B 43 -10.19 -10.08 -0.15
N ALA B 44 -9.72 -11.29 0.09
CA ALA B 44 -10.58 -12.47 0.05
C ALA B 44 -11.54 -12.55 1.24
N LYS B 45 -11.30 -11.71 2.25
CA LYS B 45 -12.15 -11.69 3.44
C LYS B 45 -13.20 -10.58 3.35
N SER B 46 -13.12 -9.80 2.29
CA SER B 46 -14.05 -8.69 2.10
C SER B 46 -15.14 -9.05 1.09
N ILE B 47 -16.39 -9.04 1.56
CA ILE B 47 -17.51 -9.37 0.68
C ILE B 47 -17.68 -8.31 -0.42
N MET B 48 -17.44 -7.05 -0.08
CA MET B 48 -17.48 -5.97 -1.06
C MET B 48 -16.39 -6.15 -2.10
N GLY B 49 -15.23 -6.61 -1.65
CA GLY B 49 -14.11 -6.85 -2.55
C GLY B 49 -14.42 -7.97 -3.52
N ILE B 50 -15.00 -9.04 -3.02
CA ILE B 50 -15.36 -10.19 -3.86
C ILE B 50 -16.44 -9.81 -4.88
N MET B 51 -17.46 -9.10 -4.43
CA MET B 51 -18.54 -8.70 -5.31
C MET B 51 -18.01 -7.84 -6.47
N SER B 52 -17.11 -6.92 -6.14
CA SER B 52 -16.57 -5.99 -7.13
C SER B 52 -15.77 -6.70 -8.20
N LEU B 53 -15.31 -7.91 -7.89
CA LEU B 53 -14.50 -8.67 -8.83
C LEU B 53 -15.37 -9.27 -9.93
N GLY B 54 -16.65 -9.48 -9.62
CA GLY B 54 -17.59 -10.02 -10.58
C GLY B 54 -17.13 -11.37 -11.11
N VAL B 55 -16.92 -12.32 -10.21
CA VAL B 55 -16.45 -13.63 -10.61
C VAL B 55 -17.61 -14.57 -10.91
N SER B 56 -17.73 -14.96 -12.18
CA SER B 56 -18.80 -15.84 -12.62
C SER B 56 -18.29 -17.26 -12.86
N GLN B 57 -19.19 -18.19 -13.13
CA GLN B 57 -18.82 -19.55 -13.43
C GLN B 57 -17.87 -19.58 -14.60
N GLY B 58 -16.79 -20.35 -14.48
CA GLY B 58 -15.84 -20.53 -15.56
C GLY B 58 -14.67 -19.56 -15.51
N ASN B 59 -14.81 -18.49 -14.72
CA ASN B 59 -13.75 -17.50 -14.60
C ASN B 59 -12.52 -18.05 -13.91
N VAL B 60 -11.35 -17.62 -14.37
CA VAL B 60 -10.10 -18.03 -13.76
C VAL B 60 -9.57 -16.93 -12.85
N VAL B 61 -9.40 -17.27 -11.58
CA VAL B 61 -8.87 -16.30 -10.62
C VAL B 61 -7.55 -16.78 -10.06
N LYS B 62 -6.85 -15.87 -9.38
CA LYS B 62 -5.58 -16.17 -8.76
C LYS B 62 -5.67 -15.90 -7.27
N LEU B 63 -5.63 -16.96 -6.46
CA LEU B 63 -5.66 -16.84 -5.01
C LEU B 63 -4.26 -16.74 -4.46
N SER B 64 -4.07 -15.86 -3.49
CA SER B 64 -2.78 -15.77 -2.81
C SER B 64 -2.98 -15.49 -1.32
N ALA B 65 -2.07 -15.99 -0.51
CA ALA B 65 -2.12 -15.78 0.93
C ALA B 65 -0.73 -15.51 1.46
N GLU B 66 -0.65 -14.76 2.55
CA GLU B 66 0.61 -14.53 3.23
C GLU B 66 0.40 -14.42 4.73
N GLY B 67 1.11 -15.25 5.48
CA GLY B 67 0.98 -15.28 6.92
C GLY B 67 1.46 -16.60 7.51
N ASP B 68 1.11 -16.85 8.76
CA ASP B 68 1.55 -18.04 9.46
C ASP B 68 0.84 -19.30 8.99
N ASP B 69 -0.39 -19.14 8.49
CA ASP B 69 -1.15 -20.29 7.98
C ASP B 69 -1.51 -20.13 6.51
N GLU B 70 -0.59 -19.57 5.74
CA GLU B 70 -0.83 -19.26 4.33
C GLU B 70 -1.05 -20.51 3.49
N GLU B 71 -0.28 -21.56 3.79
CA GLU B 71 -0.44 -22.82 3.06
C GLU B 71 -1.79 -23.45 3.39
N GLU B 72 -2.13 -23.49 4.67
CA GLU B 72 -3.39 -24.08 5.09
C GLU B 72 -4.56 -23.27 4.55
N ALA B 73 -4.35 -21.96 4.45
CA ALA B 73 -5.40 -21.04 4.00
C ALA B 73 -5.71 -21.26 2.52
N ILE B 74 -4.66 -21.38 1.72
CA ILE B 74 -4.82 -21.62 0.28
C ILE B 74 -5.45 -22.99 0.03
N LYS B 75 -4.96 -24.00 0.75
CA LYS B 75 -5.49 -25.35 0.64
C LYS B 75 -6.99 -25.38 0.94
N ALA B 76 -7.38 -24.71 2.02
CA ALA B 76 -8.78 -24.67 2.43
C ALA B 76 -9.68 -24.10 1.35
N LEU B 77 -9.22 -23.03 0.70
CA LEU B 77 -10.00 -22.39 -0.36
C LEU B 77 -10.07 -23.26 -1.60
N VAL B 78 -8.96 -23.91 -1.93
CA VAL B 78 -8.89 -24.79 -3.09
C VAL B 78 -9.86 -25.96 -2.93
N ASP B 79 -9.78 -26.63 -1.78
CA ASP B 79 -10.67 -27.75 -1.51
C ASP B 79 -12.14 -27.33 -1.59
N LEU B 80 -12.43 -26.12 -1.11
CA LEU B 80 -13.79 -25.60 -1.13
C LEU B 80 -14.26 -25.36 -2.55
N ILE B 81 -13.39 -24.77 -3.35
CA ILE B 81 -13.71 -24.47 -4.74
C ILE B 81 -13.85 -25.72 -5.59
N GLU B 82 -13.00 -26.71 -5.34
CA GLU B 82 -13.01 -27.95 -6.10
C GLU B 82 -14.22 -28.82 -5.79
N SER B 83 -14.76 -28.68 -4.59
CA SER B 83 -16.00 -29.35 -4.23
C SER B 83 -17.18 -28.54 -4.72
N LYS B 84 -16.87 -27.49 -5.48
CA LYS B 84 -17.88 -26.58 -6.00
C LYS B 84 -18.78 -26.05 -4.88
N PHE B 85 -18.21 -25.87 -3.69
CA PHE B 85 -18.92 -25.33 -2.53
C PHE B 85 -20.04 -26.25 -2.05
N GLY B 86 -19.80 -27.55 -2.12
CA GLY B 86 -20.73 -28.55 -1.60
C GLY B 86 -21.90 -28.83 -2.54
N MET C 1 -11.35 14.73 4.12
CA MET C 1 -9.95 15.08 3.90
C MET C 1 -9.16 13.85 3.50
N LYS C 2 -8.41 13.95 2.41
CA LYS C 2 -7.63 12.82 1.91
C LYS C 2 -6.14 13.17 1.87
N GLU C 3 -5.31 12.29 2.41
CA GLU C 3 -3.88 12.53 2.46
C GLU C 3 -3.07 11.36 1.89
N VAL C 4 -1.95 11.65 1.26
CA VAL C 4 -1.10 10.62 0.68
C VAL C 4 0.38 10.99 0.83
N THR C 5 1.19 10.01 1.24
CA THR C 5 2.63 10.18 1.30
C THR C 5 3.23 9.66 0.01
N ILE C 6 4.03 10.47 -0.66
CA ILE C 6 4.60 10.05 -1.94
C ILE C 6 6.00 10.59 -2.22
N GLU C 7 6.74 9.88 -3.06
CA GLU C 7 8.07 10.30 -3.45
C GLU C 7 8.07 10.92 -4.84
N ILE C 8 8.83 11.99 -5.00
CA ILE C 8 9.01 12.64 -6.29
C ILE C 8 10.21 12.00 -6.98
N LYS C 9 10.03 11.51 -8.20
CA LYS C 9 11.07 10.76 -8.88
C LYS C 9 11.60 11.42 -10.15
N ASN C 10 10.95 12.51 -10.56
CA ASN C 10 11.38 13.22 -11.76
C ASN C 10 12.63 14.04 -11.51
N LYS C 11 13.40 14.27 -12.57
CA LYS C 11 14.68 14.98 -12.50
C LYS C 11 14.57 16.22 -11.58
N THR C 12 13.76 17.19 -12.00
CA THR C 12 13.79 18.51 -11.43
C THR C 12 12.97 18.64 -10.16
N GLY C 13 12.40 17.53 -9.72
CA GLY C 13 11.51 17.56 -8.58
C GLY C 13 10.31 18.43 -8.88
N LEU C 14 9.92 19.26 -7.93
CA LEU C 14 8.85 20.23 -8.19
C LEU C 14 9.44 21.56 -8.65
N HIS C 15 10.05 21.53 -9.82
CA HIS C 15 10.67 22.70 -10.41
C HIS C 15 10.47 22.67 -11.91
N ALA C 16 10.64 23.84 -12.54
CA ALA C 16 10.48 23.93 -14.01
C ALA C 16 9.07 23.54 -14.46
N ARG C 17 8.96 22.95 -15.65
CA ARG C 17 7.66 22.58 -16.17
C ARG C 17 6.85 21.64 -15.24
N PRO C 18 7.48 20.59 -14.68
CA PRO C 18 6.78 19.75 -13.70
C PRO C 18 6.13 20.58 -12.60
N ALA C 19 6.79 21.63 -12.16
CA ALA C 19 6.24 22.51 -11.13
C ALA C 19 4.98 23.22 -11.62
N ALA C 20 4.99 23.64 -12.89
CA ALA C 20 3.82 24.28 -13.49
C ALA C 20 2.68 23.29 -13.72
N LEU C 21 3.01 22.11 -14.25
CA LEU C 21 2.02 21.06 -14.45
C LEU C 21 1.34 20.76 -13.12
N PHE C 22 2.13 20.67 -12.06
CA PHE C 22 1.63 20.34 -10.74
C PHE C 22 0.66 21.39 -10.24
N VAL C 23 1.03 22.66 -10.38
CA VAL C 23 0.19 23.77 -9.93
C VAL C 23 -1.12 23.83 -10.70
N GLN C 24 -1.03 23.66 -12.02
CA GLN C 24 -2.20 23.75 -12.88
C GLN C 24 -3.15 22.57 -12.72
N THR C 25 -2.62 21.42 -12.30
CA THR C 25 -3.43 20.23 -12.11
C THR C 25 -4.24 20.33 -10.81
N ALA C 26 -3.63 20.93 -9.79
CA ALA C 26 -4.32 21.15 -8.53
C ALA C 26 -5.37 22.25 -8.67
N SER C 27 -5.06 23.25 -9.49
CA SER C 27 -5.95 24.37 -9.71
C SER C 27 -7.21 23.91 -10.43
N LYS C 28 -7.17 22.70 -10.98
CA LYS C 28 -8.31 22.14 -11.69
C LYS C 28 -9.45 21.81 -10.73
N PHE C 29 -9.12 21.61 -9.46
CA PHE C 29 -10.10 21.16 -8.49
C PHE C 29 -10.49 22.26 -7.50
N SER C 30 -11.72 22.18 -7.01
CA SER C 30 -12.25 23.19 -6.10
C SER C 30 -11.71 23.02 -4.68
N SER C 31 -11.37 21.79 -4.33
CA SER C 31 -10.82 21.50 -3.02
C SER C 31 -9.56 22.30 -2.75
N GLN C 32 -9.25 22.53 -1.48
CA GLN C 32 -7.97 23.10 -1.11
C GLN C 32 -6.94 21.99 -1.02
N ILE C 33 -5.80 22.18 -1.65
CA ILE C 33 -4.77 21.16 -1.69
C ILE C 33 -3.46 21.68 -1.12
N TRP C 34 -2.81 20.86 -0.29
CA TRP C 34 -1.57 21.24 0.36
C TRP C 34 -0.44 20.25 0.08
N VAL C 35 0.79 20.73 0.19
CA VAL C 35 1.96 19.88 0.08
C VAL C 35 2.86 20.14 1.27
N GLU C 36 3.23 19.08 1.96
CA GLU C 36 4.12 19.18 3.11
C GLU C 36 5.42 18.43 2.85
N LYS C 37 6.55 19.05 3.18
CA LYS C 37 7.86 18.41 3.06
C LYS C 37 8.67 18.70 4.30
N ASP C 38 9.32 17.79 4.98
CA ASP C 38 9.87 18.18 6.29
C ASP C 38 8.72 18.59 7.24
N ASN C 39 8.68 19.87 7.61
CA ASN C 39 7.67 20.35 8.55
C ASN C 39 6.85 21.48 7.97
N LYS C 40 7.08 21.76 6.68
CA LYS C 40 6.54 22.94 6.04
C LYS C 40 5.39 22.59 5.12
N LYS C 41 4.20 23.07 5.46
CA LYS C 41 3.04 22.84 4.63
C LYS C 41 2.67 24.06 3.81
N VAL C 42 2.56 23.89 2.50
CA VAL C 42 2.22 24.99 1.59
C VAL C 42 1.02 24.65 0.71
N ASN C 43 0.43 25.67 0.10
CA ASN C 43 -0.70 25.48 -0.80
C ASN C 43 -0.23 24.91 -2.13
N ALA C 44 -0.88 23.84 -2.58
CA ALA C 44 -0.47 23.15 -3.79
C ALA C 44 -0.79 23.92 -5.07
N LYS C 45 -1.61 24.96 -4.93
CA LYS C 45 -2.00 25.78 -6.08
C LYS C 45 -1.12 27.03 -6.17
N SER C 46 -0.26 27.22 -5.19
CA SER C 46 0.62 28.39 -5.15
C SER C 46 2.03 28.04 -5.64
N ILE C 47 2.46 28.68 -6.72
CA ILE C 47 3.79 28.45 -7.26
C ILE C 47 4.88 28.92 -6.30
N MET C 48 4.63 30.02 -5.62
CA MET C 48 5.55 30.52 -4.60
C MET C 48 5.65 29.53 -3.45
N GLY C 49 4.52 28.92 -3.10
CA GLY C 49 4.49 27.95 -2.03
C GLY C 49 5.30 26.73 -2.37
N ILE C 50 5.13 26.25 -3.59
CA ILE C 50 5.85 25.07 -4.06
C ILE C 50 7.35 25.32 -4.15
N MET C 51 7.73 26.47 -4.68
CA MET C 51 9.14 26.82 -4.79
C MET C 51 9.81 26.86 -3.43
N SER C 52 9.11 27.44 -2.45
CA SER C 52 9.68 27.61 -1.12
C SER C 52 9.92 26.27 -0.43
N LEU C 53 9.23 25.24 -0.90
CA LEU C 53 9.34 23.91 -0.30
C LEU C 53 10.65 23.25 -0.71
N GLY C 54 11.17 23.65 -1.87
CA GLY C 54 12.43 23.12 -2.36
C GLY C 54 12.41 21.62 -2.51
N VAL C 55 11.44 21.13 -3.30
CA VAL C 55 11.28 19.70 -3.49
C VAL C 55 12.12 19.21 -4.66
N SER C 56 13.11 18.39 -4.37
CA SER C 56 14.00 17.85 -5.39
C SER C 56 13.68 16.39 -5.67
N GLN C 57 14.34 15.82 -6.68
CA GLN C 57 14.16 14.42 -7.00
C GLN C 57 14.48 13.55 -5.79
N GLY C 58 13.60 12.59 -5.51
CA GLY C 58 13.81 11.65 -4.43
C GLY C 58 13.20 12.07 -3.11
N ASN C 59 12.81 13.34 -3.01
CA ASN C 59 12.18 13.84 -1.80
C ASN C 59 10.81 13.24 -1.56
N VAL C 60 10.49 13.00 -0.29
CA VAL C 60 9.18 12.47 0.07
C VAL C 60 8.31 13.59 0.59
N VAL C 61 7.17 13.80 -0.06
CA VAL C 61 6.22 14.81 0.36
C VAL C 61 4.90 14.19 0.78
N LYS C 62 4.07 14.99 1.42
CA LYS C 62 2.76 14.55 1.88
C LYS C 62 1.69 15.44 1.25
N LEU C 63 0.91 14.87 0.34
CA LEU C 63 -0.17 15.60 -0.31
C LEU C 63 -1.46 15.43 0.47
N SER C 64 -2.22 16.51 0.60
CA SER C 64 -3.52 16.42 1.25
C SER C 64 -4.52 17.36 0.56
N ALA C 65 -5.77 16.96 0.54
CA ALA C 65 -6.82 17.76 -0.07
C ALA C 65 -8.08 17.72 0.79
N GLU C 66 -8.86 18.78 0.73
CA GLU C 66 -10.14 18.82 1.42
C GLU C 66 -11.15 19.63 0.63
N GLY C 67 -12.28 19.00 0.31
CA GLY C 67 -13.32 19.64 -0.48
C GLY C 67 -14.23 18.62 -1.12
N ASP C 68 -15.02 19.08 -2.09
CA ASP C 68 -15.99 18.22 -2.75
C ASP C 68 -15.35 17.22 -3.70
N ASP C 69 -14.18 17.57 -4.24
CA ASP C 69 -13.46 16.67 -5.15
C ASP C 69 -12.08 16.30 -4.61
N GLU C 70 -11.98 16.13 -3.30
CA GLU C 70 -10.70 15.86 -2.65
C GLU C 70 -10.08 14.54 -3.07
N GLU C 71 -10.92 13.52 -3.23
CA GLU C 71 -10.44 12.22 -3.69
C GLU C 71 -9.93 12.30 -5.12
N GLU C 72 -10.71 12.94 -5.99
CA GLU C 72 -10.33 13.08 -7.39
C GLU C 72 -9.09 13.95 -7.51
N ALA C 73 -8.96 14.92 -6.62
CA ALA C 73 -7.84 15.86 -6.64
C ALA C 73 -6.54 15.15 -6.28
N ILE C 74 -6.57 14.35 -5.22
CA ILE C 74 -5.40 13.59 -4.78
C ILE C 74 -5.00 12.56 -5.84
N LYS C 75 -5.98 11.84 -6.37
CA LYS C 75 -5.74 10.87 -7.42
C LYS C 75 -5.04 11.51 -8.63
N ALA C 76 -5.54 12.67 -9.04
CA ALA C 76 -5.00 13.37 -10.20
C ALA C 76 -3.52 13.70 -10.02
N LEU C 77 -3.17 14.15 -8.83
CA LEU C 77 -1.79 14.51 -8.53
C LEU C 77 -0.89 13.27 -8.46
N VAL C 78 -1.41 12.20 -7.85
CA VAL C 78 -0.68 10.94 -7.74
C VAL C 78 -0.35 10.37 -9.12
N ASP C 79 -1.37 10.28 -9.98
CA ASP C 79 -1.19 9.79 -11.33
C ASP C 79 -0.16 10.62 -12.09
N LEU C 80 -0.20 11.93 -11.87
CA LEU C 80 0.73 12.85 -12.53
C LEU C 80 2.16 12.61 -12.07
N ILE C 81 2.32 12.45 -10.76
CA ILE C 81 3.63 12.22 -10.16
C ILE C 81 4.21 10.87 -10.55
N GLU C 82 3.35 9.85 -10.60
CA GLU C 82 3.78 8.50 -10.91
C GLU C 82 4.18 8.33 -12.37
N SER C 83 3.61 9.15 -13.24
CA SER C 83 4.01 9.16 -14.65
C SER C 83 5.23 10.06 -14.79
N LYS C 84 5.77 10.50 -13.65
CA LYS C 84 6.91 11.40 -13.61
C LYS C 84 6.68 12.63 -14.49
N PHE C 85 5.43 13.08 -14.57
CA PHE C 85 5.05 14.28 -15.31
C PHE C 85 5.26 14.11 -16.81
N GLY C 86 4.98 12.91 -17.32
CA GLY C 86 5.03 12.63 -18.75
C GLY C 86 6.45 12.45 -19.27
#